data_5FK2
#
_entry.id   5FK2
#
_cell.length_a   61.480
_cell.length_b   61.480
_cell.length_c   153.750
_cell.angle_alpha   90.00
_cell.angle_beta   90.00
_cell.angle_gamma   90.00
#
_symmetry.space_group_name_H-M   'P 43 21 2'
#
loop_
_entity.id
_entity.type
_entity.pdbx_description
1 polymer 'SAM-I RIBOSWITCH'
2 non-polymer S-ADENOSYLMETHIONINE
3 non-polymer 'BARIUM ION'
4 water water
#
_entity_poly.entity_id   1
_entity_poly.type   'polyribonucleotide'
_entity_poly.pdbx_seq_one_letter_code
;GGCUUAUCAAGAGAGGGGGAGCGACUGGCGCGAAGAGCCCCGGCAACCAGAAAUGGUGCCAAUUCCUGCAGCGGAAACGU
UGAAAGAUGAGCCG
;
_entity_poly.pdbx_strand_id   A
#